data_3L6D
#
_entry.id   3L6D
#
_cell.length_a   84.342
_cell.length_b   37.647
_cell.length_c   104.252
_cell.angle_alpha   90.000
_cell.angle_beta   93.350
_cell.angle_gamma   90.000
#
_symmetry.space_group_name_H-M   'P 1 21 1'
#
loop_
_entity.id
_entity.type
_entity.pdbx_description
1 polymer 'Putative oxidoreductase'
2 water water
#
_entity_poly.entity_id   1
_entity_poly.type   'polypeptide(L)'
_entity_poly.pdbx_seq_one_letter_code
;(MSE)SLSDESFEFDVSVIGLGA(MSE)GTI(MSE)AQVLLKQGKRVAIWNRSPGKAAALVAAGAHLCESVKAALSASPA
TIFVLLDNHATHEVLG(MSE)PGVARALAHRTIVDYTTNAQDEGLALQGLVNQAGGHYVKG(MSE)IVAYPRNVGHRESH
SIHTGDREAFEQHRALLEGLAGHTVFLPWDEALAFATVLHAHAFAA(MSE)VTFFEAVGAGDRFGLPVSKTARLLLETSR
FFVADALEEAVRRLETQDFKGDQARLDVHADAFAHIAQSLHAQGVWTPVFDAVCQVVQRAAA(MSE)GYGDQDIAATTKS
FAREQEEGHHHHHH
;
_entity_poly.pdbx_strand_id   A,B
#
# COMPACT_ATOMS: atom_id res chain seq x y z
N SER A 2 42.17 -18.26 -12.67
CA SER A 2 43.13 -18.00 -13.78
C SER A 2 43.46 -19.27 -14.56
N LEU A 3 43.27 -20.44 -13.96
CA LEU A 3 43.50 -21.71 -14.66
C LEU A 3 42.68 -21.84 -15.93
N SER A 4 41.40 -21.44 -15.86
CA SER A 4 40.50 -21.60 -16.99
C SER A 4 40.93 -20.76 -18.21
N ASP A 5 41.06 -19.45 -17.99
CA ASP A 5 41.47 -18.53 -19.06
C ASP A 5 40.54 -18.57 -20.31
N GLU A 6 39.29 -19.03 -20.12
CA GLU A 6 38.34 -19.18 -21.24
C GLU A 6 37.97 -17.81 -21.78
N SER A 7 37.80 -17.74 -23.08
CA SER A 7 37.61 -16.48 -23.74
C SER A 7 36.13 -16.31 -24.05
N PHE A 8 35.54 -15.19 -23.66
CA PHE A 8 34.16 -14.87 -24.05
C PHE A 8 34.06 -13.59 -24.85
N GLU A 9 33.27 -13.62 -25.92
CA GLU A 9 33.02 -12.39 -26.68
C GLU A 9 31.72 -11.73 -26.24
N PHE A 10 31.01 -12.35 -25.29
CA PHE A 10 29.75 -11.76 -24.82
C PHE A 10 29.67 -11.83 -23.32
N ASP A 11 28.88 -10.92 -22.74
CA ASP A 11 28.72 -10.88 -21.29
C ASP A 11 27.61 -11.76 -20.82
N VAL A 12 26.61 -11.97 -21.69
CA VAL A 12 25.42 -12.68 -21.29
C VAL A 12 24.68 -13.14 -22.52
N SER A 13 24.03 -14.30 -22.39
CA SER A 13 23.18 -14.80 -23.45
C SER A 13 21.75 -14.79 -22.91
N VAL A 14 20.78 -14.54 -23.80
CA VAL A 14 19.38 -14.51 -23.43
C VAL A 14 18.63 -15.47 -24.31
N ILE A 15 18.04 -16.49 -23.67
CA ILE A 15 17.24 -17.42 -24.39
C ILE A 15 15.77 -17.17 -24.07
N GLY A 16 15.00 -16.88 -25.13
CA GLY A 16 13.59 -16.60 -24.94
C GLY A 16 13.36 -15.13 -25.14
N LEU A 17 12.72 -14.83 -26.27
CA LEU A 17 12.57 -13.45 -26.70
C LEU A 17 11.08 -13.10 -26.84
N GLY A 18 10.30 -13.54 -25.85
CA GLY A 18 8.94 -13.02 -25.69
C GLY A 18 9.06 -11.67 -25.01
N ALA A 19 8.00 -11.22 -24.37
CA ALA A 19 7.97 -9.89 -23.77
C ALA A 19 9.06 -9.65 -22.72
N GLY A 21 11.79 -11.56 -21.88
CA GLY A 21 13.15 -11.79 -22.42
C GLY A 21 13.59 -10.66 -23.34
N THR A 22 12.66 -10.17 -24.17
CA THR A 22 12.99 -9.08 -25.08
C THR A 22 13.44 -7.85 -24.31
N ILE A 23 12.66 -7.47 -23.30
CA ILE A 23 12.99 -6.28 -22.50
C ILE A 23 14.28 -6.48 -21.74
N ALA A 25 16.85 -8.41 -22.56
CA ALA A 25 17.91 -8.22 -23.56
C ALA A 25 18.07 -6.72 -23.94
N GLN A 26 16.95 -6.02 -24.19
CA GLN A 26 16.99 -4.59 -24.60
C GLN A 26 17.70 -3.74 -23.53
N VAL A 27 17.31 -3.92 -22.27
CA VAL A 27 17.91 -3.18 -21.14
C VAL A 27 19.40 -3.45 -21.03
N LEU A 28 19.78 -4.74 -21.14
CA LEU A 28 21.19 -5.10 -21.06
C LEU A 28 22.02 -4.50 -22.20
N LEU A 29 21.51 -4.56 -23.43
CA LEU A 29 22.19 -3.89 -24.54
C LEU A 29 22.39 -2.39 -24.27
N LYS A 30 21.31 -1.74 -23.81
CA LYS A 30 21.33 -0.28 -23.55
C LYS A 30 22.39 0.07 -22.50
N GLN A 31 22.56 -0.81 -21.50
CA GLN A 31 23.62 -0.63 -20.51
C GLN A 31 25.04 -0.92 -21.02
N GLY A 32 25.15 -1.33 -22.28
CA GLY A 32 26.46 -1.60 -22.85
C GLY A 32 26.89 -3.06 -22.73
N LYS A 33 26.01 -3.97 -22.31
CA LYS A 33 26.45 -5.40 -22.27
C LYS A 33 26.58 -5.88 -23.71
N ARG A 34 27.46 -6.82 -23.98
CA ARG A 34 27.51 -7.51 -25.27
C ARG A 34 26.60 -8.71 -25.10
N VAL A 35 25.49 -8.75 -25.83
CA VAL A 35 24.45 -9.73 -25.58
C VAL A 35 24.27 -10.67 -26.77
N ALA A 36 24.26 -11.97 -26.51
CA ALA A 36 23.93 -12.97 -27.51
C ALA A 36 22.55 -13.52 -27.21
N ILE A 37 21.78 -13.81 -28.26
CA ILE A 37 20.39 -14.22 -28.08
C ILE A 37 20.05 -15.45 -28.92
N TRP A 38 19.04 -16.19 -28.49
CA TRP A 38 18.51 -17.24 -29.32
C TRP A 38 17.03 -17.29 -29.03
N ASN A 39 16.24 -17.52 -30.07
CA ASN A 39 14.80 -17.66 -29.95
C ASN A 39 14.32 -18.70 -30.94
N ARG A 40 13.31 -19.47 -30.54
CA ARG A 40 12.76 -20.48 -31.44
C ARG A 40 12.31 -19.82 -32.75
N SER A 41 11.77 -18.60 -32.65
CA SER A 41 11.42 -17.79 -33.84
C SER A 41 12.39 -16.63 -34.14
N PRO A 42 13.27 -16.79 -35.16
CA PRO A 42 14.23 -15.75 -35.54
C PRO A 42 13.57 -14.36 -35.75
N GLY A 43 12.32 -14.35 -36.21
CA GLY A 43 11.46 -13.16 -36.20
C GLY A 43 11.69 -12.17 -35.05
N LYS A 44 11.49 -12.58 -33.80
CA LYS A 44 11.53 -11.61 -32.66
C LYS A 44 12.97 -11.17 -32.31
N ALA A 45 13.94 -11.84 -32.92
CA ALA A 45 15.28 -11.36 -32.74
C ALA A 45 15.57 -10.18 -33.62
N ALA A 46 14.69 -9.86 -34.59
CA ALA A 46 15.05 -8.82 -35.58
C ALA A 46 15.41 -7.44 -34.97
N ALA A 47 14.57 -6.94 -34.09
CA ALA A 47 14.80 -5.61 -33.50
C ALA A 47 16.03 -5.67 -32.58
N LEU A 48 16.14 -6.75 -31.82
CA LEU A 48 17.32 -6.97 -30.97
C LEU A 48 18.61 -7.05 -31.75
N VAL A 49 18.58 -7.70 -32.93
CA VAL A 49 19.77 -7.73 -33.76
C VAL A 49 20.10 -6.31 -34.24
N ALA A 50 19.09 -5.60 -34.70
CA ALA A 50 19.27 -4.23 -35.13
C ALA A 50 19.84 -3.42 -33.94
N ALA A 51 19.30 -3.62 -32.74
CA ALA A 51 19.86 -2.97 -31.50
C ALA A 51 21.29 -3.40 -31.12
N GLY A 52 21.78 -4.51 -31.68
CA GLY A 52 23.20 -4.85 -31.54
C GLY A 52 23.43 -6.19 -30.87
N ALA A 53 22.35 -6.91 -30.59
CA ALA A 53 22.46 -8.30 -30.10
C ALA A 53 23.04 -9.19 -31.20
N HIS A 54 23.73 -10.24 -30.79
CA HIS A 54 24.27 -11.20 -31.74
C HIS A 54 23.33 -12.40 -31.76
N LEU A 55 22.87 -12.77 -32.93
CA LEU A 55 21.96 -13.90 -33.08
C LEU A 55 22.72 -15.20 -33.18
N CYS A 56 22.52 -16.07 -32.18
CA CYS A 56 23.13 -17.40 -32.17
C CYS A 56 22.35 -18.37 -33.01
N GLU A 57 23.07 -19.28 -33.66
CA GLU A 57 22.46 -20.37 -34.47
C GLU A 57 21.62 -21.41 -33.70
N SER A 58 21.88 -21.57 -32.41
CA SER A 58 21.31 -22.66 -31.61
C SER A 58 21.43 -22.35 -30.11
N VAL A 59 20.66 -23.05 -29.27
CA VAL A 59 20.82 -22.97 -27.80
C VAL A 59 22.25 -23.28 -27.38
N LYS A 60 22.82 -24.38 -27.90
CA LYS A 60 24.24 -24.74 -27.63
C LYS A 60 25.23 -23.57 -27.85
N ALA A 61 25.10 -22.86 -28.97
CA ALA A 61 26.00 -21.76 -29.28
C ALA A 61 25.82 -20.61 -28.27
N ALA A 62 24.56 -20.26 -27.97
CA ALA A 62 24.21 -19.24 -26.95
C ALA A 62 24.84 -19.54 -25.57
N LEU A 63 24.73 -20.79 -25.15
CA LEU A 63 25.33 -21.26 -23.88
C LEU A 63 26.83 -21.13 -23.86
N SER A 64 27.48 -21.51 -24.98
CA SER A 64 28.94 -21.42 -25.08
C SER A 64 29.43 -19.99 -25.18
N ALA A 65 28.58 -19.11 -25.71
CA ALA A 65 29.03 -17.75 -26.07
C ALA A 65 29.31 -16.81 -24.90
N SER A 66 28.64 -17.06 -23.78
CA SER A 66 28.71 -16.17 -22.63
C SER A 66 28.90 -16.98 -21.33
N PRO A 67 29.36 -16.33 -20.26
CA PRO A 67 29.54 -17.09 -19.01
C PRO A 67 28.23 -17.50 -18.27
N ALA A 68 27.16 -16.75 -18.55
CA ALA A 68 25.88 -16.98 -17.99
C ALA A 68 24.86 -16.76 -19.11
N THR A 69 23.79 -17.56 -19.05
CA THR A 69 22.67 -17.48 -19.95
C THR A 69 21.39 -17.30 -19.15
N ILE A 70 20.65 -16.27 -19.49
CA ILE A 70 19.35 -16.03 -18.88
C ILE A 70 18.30 -16.80 -19.69
N PHE A 71 17.46 -17.58 -18.98
CA PHE A 71 16.34 -18.27 -19.61
C PHE A 71 15.05 -17.55 -19.21
N VAL A 72 14.23 -17.23 -20.20
CA VAL A 72 12.93 -16.60 -19.95
C VAL A 72 11.98 -17.21 -20.96
N LEU A 73 11.43 -18.35 -20.63
CA LEU A 73 10.62 -19.10 -21.57
C LEU A 73 9.14 -19.12 -21.24
N LEU A 74 8.34 -19.62 -22.19
CA LEU A 74 6.88 -19.60 -22.05
C LEU A 74 6.46 -20.32 -20.76
N ASP A 75 6.99 -21.52 -20.53
CA ASP A 75 6.58 -22.33 -19.38
C ASP A 75 7.59 -23.45 -19.11
N ASN A 76 7.29 -24.31 -18.15
CA ASN A 76 8.21 -25.36 -17.75
C ASN A 76 8.51 -26.35 -18.89
N HIS A 77 7.49 -26.68 -19.68
CA HIS A 77 7.68 -27.53 -20.87
C HIS A 77 8.67 -26.91 -21.83
N ALA A 78 8.53 -25.60 -22.06
CA ALA A 78 9.45 -24.88 -22.96
C ALA A 78 10.91 -25.04 -22.50
N THR A 79 11.13 -24.95 -21.18
CA THR A 79 12.46 -25.06 -20.58
C THR A 79 13.05 -26.43 -20.84
N HIS A 80 12.25 -27.49 -20.65
CA HIS A 80 12.74 -28.84 -20.90
C HIS A 80 13.02 -29.11 -22.38
N GLU A 81 12.12 -28.65 -23.23
CA GLU A 81 12.28 -28.70 -24.68
C GLU A 81 13.61 -28.03 -25.14
N VAL A 82 13.93 -26.88 -24.56
CA VAL A 82 15.21 -26.23 -24.82
C VAL A 82 16.37 -27.10 -24.31
N LEU A 83 16.25 -27.59 -23.08
CA LEU A 83 17.36 -28.31 -22.46
C LEU A 83 17.62 -29.70 -23.08
N GLY A 84 16.66 -30.18 -23.87
CA GLY A 84 16.77 -31.47 -24.56
C GLY A 84 17.22 -31.33 -26.00
N PRO A 86 19.73 -30.59 -29.35
CA PRO A 86 21.02 -31.29 -29.58
C PRO A 86 22.27 -30.58 -29.02
N GLY A 87 23.01 -31.29 -28.17
CA GLY A 87 24.28 -30.80 -27.60
C GLY A 87 24.17 -29.85 -26.41
N VAL A 88 22.95 -29.61 -25.94
CA VAL A 88 22.71 -28.64 -24.88
C VAL A 88 23.23 -29.15 -23.55
N ALA A 89 22.95 -30.43 -23.24
CA ALA A 89 23.46 -31.05 -22.04
C ALA A 89 24.92 -30.73 -21.81
N ARG A 90 25.76 -30.99 -22.83
CA ARG A 90 27.20 -30.77 -22.78
C ARG A 90 27.59 -29.30 -22.63
N ALA A 91 26.83 -28.43 -23.30
CA ALA A 91 27.13 -27.01 -23.30
C ALA A 91 26.74 -26.35 -21.98
N LEU A 92 26.04 -27.09 -21.11
CA LEU A 92 25.75 -26.60 -19.74
C LEU A 92 26.98 -26.57 -18.84
N ALA A 93 27.97 -27.40 -19.13
CA ALA A 93 29.12 -27.55 -18.25
C ALA A 93 29.84 -26.22 -18.05
N HIS A 94 30.02 -25.83 -16.78
CA HIS A 94 30.74 -24.62 -16.40
C HIS A 94 30.04 -23.32 -16.87
N ARG A 95 28.72 -23.38 -17.07
CA ARG A 95 27.94 -22.20 -17.28
C ARG A 95 26.92 -21.99 -16.17
N THR A 96 26.64 -20.72 -15.91
CA THR A 96 25.56 -20.32 -15.03
C THR A 96 24.29 -20.11 -15.85
N ILE A 97 23.20 -20.76 -15.42
CA ILE A 97 21.89 -20.58 -16.01
C ILE A 97 21.07 -19.77 -14.99
N VAL A 98 20.56 -18.63 -15.40
CA VAL A 98 19.68 -17.78 -14.55
C VAL A 98 18.27 -17.87 -15.11
N ASP A 99 17.44 -18.58 -14.37
CA ASP A 99 16.14 -18.98 -14.88
C ASP A 99 15.02 -18.14 -14.26
N TYR A 100 14.45 -17.28 -15.10
CA TYR A 100 13.35 -16.40 -14.70
C TYR A 100 11.98 -16.94 -15.13
N THR A 101 11.95 -18.11 -15.73
CA THR A 101 10.72 -18.70 -16.26
C THR A 101 9.82 -19.10 -15.12
N THR A 102 8.57 -18.63 -15.12
CA THR A 102 7.66 -19.01 -14.04
C THR A 102 7.14 -20.43 -14.18
N ASN A 103 7.41 -21.22 -13.14
CA ASN A 103 6.98 -22.61 -13.05
C ASN A 103 6.56 -22.93 -11.61
N ALA A 104 6.11 -24.15 -11.41
CA ALA A 104 5.69 -24.64 -10.14
C ALA A 104 6.82 -25.24 -9.33
N GLN A 105 6.75 -25.10 -8.02
CA GLN A 105 7.80 -25.65 -7.21
C GLN A 105 7.85 -27.17 -7.31
N ASP A 106 9.07 -27.63 -7.36
CA ASP A 106 9.52 -28.98 -7.57
C ASP A 106 9.86 -29.17 -9.02
N GLU A 107 9.37 -28.32 -9.89
CA GLU A 107 9.93 -28.24 -11.22
C GLU A 107 11.31 -27.71 -11.15
N GLY A 108 11.43 -26.71 -10.31
CA GLY A 108 12.62 -25.93 -10.18
C GLY A 108 13.73 -26.77 -9.68
N LEU A 109 13.37 -27.64 -8.77
CA LEU A 109 14.33 -28.49 -8.08
C LEU A 109 14.93 -29.50 -9.06
N ALA A 110 14.10 -29.94 -10.01
CA ALA A 110 14.50 -30.89 -11.08
C ALA A 110 15.38 -30.21 -12.11
N LEU A 111 14.92 -29.06 -12.59
CA LEU A 111 15.74 -28.13 -13.40
C LEU A 111 17.09 -27.90 -12.75
N GLN A 112 17.08 -27.58 -11.46
CA GLN A 112 18.31 -27.40 -10.71
C GLN A 112 19.17 -28.66 -10.79
N GLY A 113 18.55 -29.81 -10.51
CA GLY A 113 19.25 -31.07 -10.54
C GLY A 113 19.85 -31.35 -11.91
N LEU A 114 19.03 -31.18 -12.94
CA LEU A 114 19.46 -31.40 -14.32
C LEU A 114 20.69 -30.55 -14.68
N VAL A 115 20.62 -29.25 -14.39
CA VAL A 115 21.74 -28.34 -14.65
C VAL A 115 22.98 -28.70 -13.84
N ASN A 116 22.79 -29.00 -12.55
CA ASN A 116 23.92 -29.40 -11.70
C ASN A 116 24.59 -30.70 -12.12
N GLN A 117 23.78 -31.68 -12.50
CA GLN A 117 24.28 -32.95 -13.05
C GLN A 117 25.18 -32.77 -14.27
N ALA A 118 24.85 -31.78 -15.11
CA ALA A 118 25.61 -31.53 -16.34
C ALA A 118 26.89 -30.75 -16.06
N GLY A 119 27.09 -30.33 -14.80
CA GLY A 119 28.29 -29.59 -14.41
C GLY A 119 28.09 -28.09 -14.50
N GLY A 120 26.83 -27.67 -14.58
CA GLY A 120 26.50 -26.25 -14.68
C GLY A 120 26.05 -25.73 -13.33
N HIS A 121 25.71 -24.44 -13.25
CA HIS A 121 25.27 -23.85 -12.00
C HIS A 121 23.92 -23.24 -12.21
N TYR A 122 22.97 -23.56 -11.37
CA TYR A 122 21.61 -23.10 -11.59
C TYR A 122 21.25 -22.01 -10.60
N VAL A 123 20.81 -20.86 -11.13
CA VAL A 123 20.31 -19.76 -10.32
C VAL A 123 18.86 -19.52 -10.76
N LYS A 124 17.92 -19.62 -9.83
CA LYS A 124 16.53 -19.22 -10.11
C LYS A 124 16.36 -17.74 -9.79
N GLY A 125 15.60 -17.03 -10.63
CA GLY A 125 15.34 -15.59 -10.46
C GLY A 125 13.84 -15.28 -10.48
N ILE A 127 11.68 -11.69 -10.64
CA ILE A 127 11.82 -10.27 -10.70
C ILE A 127 10.52 -9.62 -10.34
N VAL A 128 10.57 -8.76 -9.34
CA VAL A 128 9.38 -8.10 -8.84
C VAL A 128 9.13 -6.82 -9.59
N ALA A 129 8.80 -6.94 -10.85
CA ALA A 129 8.55 -5.78 -11.65
C ALA A 129 7.71 -6.13 -12.83
N TYR A 130 6.96 -5.17 -13.30
CA TYR A 130 6.38 -5.20 -14.64
C TYR A 130 7.49 -4.91 -15.66
N PRO A 131 7.34 -5.36 -16.93
CA PRO A 131 8.41 -5.18 -17.92
C PRO A 131 8.88 -3.75 -18.05
N ARG A 132 7.96 -2.79 -17.96
CA ARG A 132 8.33 -1.39 -18.05
C ARG A 132 9.36 -1.00 -16.98
N ASN A 133 9.45 -1.74 -15.86
CA ASN A 133 10.49 -1.40 -14.86
C ASN A 133 11.67 -2.36 -14.76
N VAL A 134 11.77 -3.30 -15.69
CA VAL A 134 13.05 -4.01 -15.82
C VAL A 134 14.16 -2.98 -16.08
N GLY A 135 15.27 -3.09 -15.36
CA GLY A 135 16.37 -2.11 -15.45
C GLY A 135 16.32 -0.97 -14.44
N HIS A 136 15.18 -0.80 -13.81
CA HIS A 136 14.98 0.33 -12.94
C HIS A 136 15.82 0.13 -11.71
N ARG A 137 16.53 1.18 -11.30
CA ARG A 137 17.37 1.15 -10.09
C ARG A 137 16.59 0.78 -8.84
N GLU A 138 15.29 1.06 -8.80
CA GLU A 138 14.47 0.77 -7.61
C GLU A 138 13.71 -0.54 -7.72
N SER A 139 13.85 -1.23 -8.85
CA SER A 139 13.24 -2.55 -9.00
C SER A 139 14.00 -3.56 -8.16
N HIS A 140 13.29 -4.59 -7.71
CA HIS A 140 13.87 -5.63 -6.85
C HIS A 140 13.77 -6.99 -7.52
N SER A 141 14.78 -7.82 -7.30
CA SER A 141 14.64 -9.22 -7.72
C SER A 141 15.05 -10.17 -6.57
N ILE A 142 14.57 -11.40 -6.65
CA ILE A 142 14.92 -12.43 -5.67
C ILE A 142 15.60 -13.56 -6.42
N HIS A 143 16.69 -14.06 -5.85
CA HIS A 143 17.38 -15.18 -6.46
C HIS A 143 17.63 -16.33 -5.47
N THR A 144 17.73 -17.55 -6.00
CA THR A 144 18.02 -18.70 -5.17
C THR A 144 18.77 -19.73 -6.01
N GLY A 145 19.14 -20.85 -5.42
CA GLY A 145 19.87 -21.91 -6.15
C GLY A 145 21.31 -21.88 -5.73
N ASP A 146 22.18 -21.56 -6.68
CA ASP A 146 23.64 -21.66 -6.51
C ASP A 146 24.16 -20.29 -6.03
N ARG A 147 24.47 -20.19 -4.72
CA ARG A 147 24.89 -18.95 -4.12
C ARG A 147 26.15 -18.37 -4.75
N GLU A 148 27.16 -19.22 -4.89
CA GLU A 148 28.48 -18.90 -5.51
C GLU A 148 28.28 -18.30 -6.92
N ALA A 149 27.42 -18.95 -7.70
CA ALA A 149 27.21 -18.51 -9.09
C ALA A 149 26.45 -17.20 -9.13
N PHE A 150 25.45 -17.07 -8.25
CA PHE A 150 24.75 -15.81 -8.12
C PHE A 150 25.74 -14.69 -7.81
N GLU A 151 26.67 -14.91 -6.85
CA GLU A 151 27.56 -13.82 -6.44
C GLU A 151 28.49 -13.46 -7.55
N GLN A 152 28.90 -14.47 -8.30
CA GLN A 152 29.74 -14.28 -9.47
C GLN A 152 29.05 -13.33 -10.45
N HIS A 153 27.76 -13.54 -10.70
CA HIS A 153 27.09 -12.77 -11.72
C HIS A 153 26.17 -11.64 -11.20
N ARG A 154 26.31 -11.31 -9.91
CA ARG A 154 25.39 -10.34 -9.27
C ARG A 154 25.35 -8.99 -9.97
N ALA A 155 26.51 -8.51 -10.44
CA ALA A 155 26.55 -7.16 -11.02
C ALA A 155 25.77 -7.18 -12.33
N LEU A 156 25.91 -8.29 -13.06
CA LEU A 156 25.17 -8.45 -14.32
C LEU A 156 23.65 -8.49 -14.01
N LEU A 157 23.27 -9.27 -13.00
CA LEU A 157 21.85 -9.41 -12.67
C LEU A 157 21.22 -8.10 -12.10
N GLU A 158 22.04 -7.28 -11.44
CA GLU A 158 21.67 -5.89 -11.03
C GLU A 158 21.36 -4.93 -12.19
N GLY A 159 21.84 -5.27 -13.39
CA GLY A 159 21.38 -4.59 -14.60
C GLY A 159 19.88 -4.71 -14.81
N LEU A 160 19.27 -5.82 -14.37
CA LEU A 160 17.84 -6.03 -14.54
C LEU A 160 16.98 -5.44 -13.43
N ALA A 161 17.51 -5.43 -12.22
CA ALA A 161 16.81 -4.81 -11.08
C ALA A 161 17.85 -4.33 -10.09
N GLY A 162 17.80 -3.03 -9.76
CA GLY A 162 18.90 -2.42 -9.01
C GLY A 162 19.11 -3.01 -7.62
N HIS A 163 18.09 -3.66 -7.07
CA HIS A 163 18.22 -4.25 -5.73
C HIS A 163 17.99 -5.72 -5.86
N THR A 164 18.88 -6.53 -5.31
CA THR A 164 18.64 -7.94 -5.39
C THR A 164 18.99 -8.64 -4.06
N VAL A 165 18.39 -9.81 -3.86
CA VAL A 165 18.61 -10.57 -2.63
C VAL A 165 18.69 -12.06 -2.98
N PHE A 166 19.65 -12.76 -2.38
CA PHE A 166 19.72 -14.20 -2.48
C PHE A 166 19.16 -14.80 -1.19
N LEU A 167 18.22 -15.73 -1.31
CA LEU A 167 17.72 -16.51 -0.15
C LEU A 167 17.90 -18.02 -0.45
N PRO A 168 18.14 -18.84 0.58
CA PRO A 168 18.17 -20.30 0.33
C PRO A 168 16.85 -20.76 -0.26
N TRP A 169 16.85 -21.93 -0.90
CA TRP A 169 15.72 -22.45 -1.67
C TRP A 169 14.40 -22.39 -0.90
N ASP A 170 14.36 -22.97 0.29
CA ASP A 170 13.13 -22.93 1.08
C ASP A 170 12.62 -21.47 1.27
N GLU A 171 13.47 -20.62 1.86
CA GLU A 171 13.12 -19.19 2.07
C GLU A 171 12.69 -18.41 0.82
N ALA A 172 13.41 -18.57 -0.29
CA ALA A 172 13.18 -17.74 -1.48
C ALA A 172 11.77 -17.86 -2.00
N LEU A 173 11.33 -19.10 -2.24
CA LEU A 173 10.04 -19.31 -2.83
C LEU A 173 8.93 -18.92 -1.87
N ALA A 174 9.08 -19.25 -0.58
CA ALA A 174 8.10 -18.87 0.44
C ALA A 174 8.03 -17.34 0.51
N PHE A 175 9.19 -16.69 0.51
CA PHE A 175 9.20 -15.23 0.59
C PHE A 175 8.54 -14.57 -0.65
N ALA A 176 8.84 -15.10 -1.83
CA ALA A 176 8.22 -14.58 -3.06
C ALA A 176 6.69 -14.69 -3.00
N THR A 177 6.20 -15.77 -2.40
CA THR A 177 4.77 -16.04 -2.35
C THR A 177 4.07 -15.01 -1.46
N VAL A 178 4.60 -14.81 -0.26
CA VAL A 178 4.03 -13.84 0.69
C VAL A 178 4.21 -12.40 0.22
N LEU A 179 5.34 -12.11 -0.41
CA LEU A 179 5.56 -10.79 -0.94
C LEU A 179 4.50 -10.44 -2.00
N HIS A 180 4.23 -11.35 -2.95
CA HIS A 180 3.24 -11.08 -3.99
C HIS A 180 1.80 -11.09 -3.48
N ALA A 181 1.52 -11.95 -2.50
CA ALA A 181 0.24 -11.95 -1.82
C ALA A 181 -0.05 -10.53 -1.32
N HIS A 182 0.86 -9.95 -0.53
CA HIS A 182 0.67 -8.58 -0.03
C HIS A 182 0.57 -7.59 -1.20
N ALA A 183 1.57 -7.59 -2.08
CA ALA A 183 1.63 -6.61 -3.17
C ALA A 183 0.39 -6.56 -4.02
N PHE A 184 -0.05 -7.73 -4.48
CA PHE A 184 -1.25 -7.82 -5.31
C PHE A 184 -2.54 -7.55 -4.53
N ALA A 185 -2.59 -8.02 -3.28
CA ALA A 185 -3.78 -7.71 -2.46
C ALA A 185 -3.91 -6.19 -2.22
N ALA A 186 -2.80 -5.51 -1.95
CA ALA A 186 -2.83 -4.05 -1.72
C ALA A 186 -3.37 -3.30 -2.96
N VAL A 188 -5.51 -4.53 -5.19
CA VAL A 188 -6.95 -4.83 -5.28
C VAL A 188 -7.77 -4.07 -4.22
N THR A 189 -7.24 -3.90 -3.01
CA THR A 189 -7.88 -3.05 -2.03
C THR A 189 -8.11 -1.65 -2.61
N PHE A 190 -7.13 -1.14 -3.34
CA PHE A 190 -7.26 0.14 -4.04
C PHE A 190 -8.37 0.09 -5.11
N PHE A 191 -8.42 -0.95 -5.97
CA PHE A 191 -9.49 -1.05 -6.99
C PHE A 191 -10.86 -1.15 -6.34
N GLU A 192 -10.97 -1.92 -5.27
CA GLU A 192 -12.25 -2.05 -4.55
C GLU A 192 -12.69 -0.68 -3.99
N ALA A 193 -11.77 0.06 -3.40
CA ALA A 193 -12.13 1.35 -2.81
C ALA A 193 -12.55 2.36 -3.87
N VAL A 194 -11.82 2.40 -4.98
CA VAL A 194 -12.19 3.30 -6.07
C VAL A 194 -13.57 2.90 -6.65
N GLY A 195 -13.77 1.61 -6.84
CA GLY A 195 -15.07 1.11 -7.27
C GLY A 195 -16.17 1.51 -6.30
N ALA A 196 -15.92 1.36 -4.98
CA ALA A 196 -16.88 1.79 -3.98
C ALA A 196 -17.19 3.27 -4.14
N GLY A 197 -16.14 4.08 -4.34
CA GLY A 197 -16.30 5.51 -4.52
C GLY A 197 -17.25 5.82 -5.66
N ASP A 198 -17.04 5.14 -6.79
CA ASP A 198 -17.92 5.31 -7.93
C ASP A 198 -19.39 5.08 -7.56
N ARG A 199 -19.65 4.13 -6.68
CA ARG A 199 -21.04 3.89 -6.31
C ARG A 199 -21.61 4.91 -5.31
N PHE A 200 -20.73 5.70 -4.71
CA PHE A 200 -21.16 6.86 -3.94
C PHE A 200 -21.33 8.08 -4.83
N GLY A 201 -21.10 7.96 -6.13
CA GLY A 201 -21.20 9.13 -7.00
C GLY A 201 -19.89 9.92 -7.12
N LEU A 202 -18.77 9.37 -6.64
CA LEU A 202 -17.49 10.02 -6.79
C LEU A 202 -16.84 9.55 -8.07
N PRO A 203 -16.61 10.46 -9.03
CA PRO A 203 -16.08 10.06 -10.35
C PRO A 203 -14.68 9.45 -10.25
N VAL A 204 -14.50 8.29 -10.88
CA VAL A 204 -13.19 7.62 -10.98
C VAL A 204 -12.08 8.59 -11.47
N SER A 205 -12.40 9.45 -12.43
CA SER A 205 -11.46 10.43 -13.04
C SER A 205 -10.71 11.38 -12.09
N LYS A 206 -11.29 11.67 -10.92
CA LYS A 206 -10.65 12.55 -9.92
C LYS A 206 -10.38 11.77 -8.66
N THR A 207 -11.24 10.79 -8.39
CA THR A 207 -11.22 10.15 -7.07
C THR A 207 -10.06 9.21 -6.87
N ALA A 208 -9.67 8.48 -7.93
CA ALA A 208 -8.55 7.54 -7.83
C ALA A 208 -7.26 8.30 -7.45
N ARG A 209 -7.03 9.41 -8.13
CA ARG A 209 -5.83 10.22 -7.81
C ARG A 209 -5.86 10.76 -6.38
N LEU A 210 -6.99 11.35 -5.98
CA LEU A 210 -7.13 11.89 -4.63
C LEU A 210 -6.97 10.79 -3.60
N LEU A 211 -7.54 9.62 -3.87
CA LEU A 211 -7.46 8.51 -2.92
CA LEU A 211 -7.47 8.52 -2.93
C LEU A 211 -6.01 8.10 -2.74
N LEU A 212 -5.28 7.96 -3.84
CA LEU A 212 -3.84 7.58 -3.74
C LEU A 212 -3.05 8.62 -2.97
N GLU A 213 -3.17 9.87 -3.39
CA GLU A 213 -2.41 10.95 -2.78
C GLU A 213 -2.71 11.18 -1.30
N THR A 214 -3.98 11.08 -0.91
CA THR A 214 -4.40 11.32 0.44
C THR A 214 -4.05 10.16 1.40
N SER A 215 -3.84 8.97 0.87
CA SER A 215 -3.52 7.85 1.74
C SER A 215 -2.05 7.44 1.76
N ARG A 216 -1.28 7.91 0.78
CA ARG A 216 0.11 7.44 0.57
CA ARG A 216 0.11 7.46 0.56
C ARG A 216 0.93 7.47 1.86
N PHE A 217 1.07 8.65 2.44
CA PHE A 217 1.90 8.80 3.63
C PHE A 217 1.34 8.05 4.83
N PHE A 218 0.04 8.21 5.08
CA PHE A 218 -0.58 7.52 6.19
C PHE A 218 -0.28 6.01 6.14
N VAL A 219 -0.46 5.38 4.99
CA VAL A 219 -0.23 3.92 4.84
C VAL A 219 1.29 3.62 5.02
N ALA A 220 2.14 4.32 4.27
CA ALA A 220 3.61 4.09 4.34
C ALA A 220 4.14 4.26 5.76
N ASP A 221 3.68 5.30 6.46
CA ASP A 221 4.10 5.54 7.85
C ASP A 221 3.58 4.42 8.75
N ALA A 222 2.34 4.00 8.55
CA ALA A 222 1.77 2.96 9.37
C ALA A 222 2.48 1.62 9.18
N LEU A 223 2.80 1.27 7.93
CA LEU A 223 3.60 0.05 7.67
C LEU A 223 5.03 0.11 8.26
N GLU A 224 5.68 1.27 8.18
CA GLU A 224 7.02 1.47 8.79
C GLU A 224 7.00 1.26 10.31
N GLU A 225 5.98 1.82 10.97
CA GLU A 225 5.77 1.69 12.43
C GLU A 225 5.46 0.24 12.84
N ALA A 226 4.59 -0.40 12.08
CA ALA A 226 4.31 -1.81 12.25
C ALA A 226 5.55 -2.70 12.19
N VAL A 227 6.43 -2.43 11.24
CA VAL A 227 7.67 -3.19 11.10
C VAL A 227 8.56 -2.97 12.33
N ARG A 228 8.70 -1.70 12.74
CA ARG A 228 9.39 -1.33 13.97
C ARG A 228 8.86 -2.13 15.15
N ARG A 229 7.54 -2.19 15.30
CA ARG A 229 6.96 -2.98 16.35
C ARG A 229 7.23 -4.47 16.23
N LEU A 230 7.10 -5.01 15.03
CA LEU A 230 7.29 -6.45 14.80
C LEU A 230 8.77 -6.83 14.99
N GLU A 231 9.68 -5.91 14.72
CA GLU A 231 11.11 -6.19 14.94
C GLU A 231 11.40 -6.18 16.44
N THR A 232 10.81 -5.22 17.12
CA THR A 232 11.11 -4.93 18.50
C THR A 232 10.15 -5.68 19.47
N GLN A 233 9.21 -6.42 18.90
CA GLN A 233 8.24 -7.22 19.64
C GLN A 233 7.39 -6.39 20.62
N ASP A 234 7.10 -5.16 20.20
CA ASP A 234 6.46 -4.20 21.07
C ASP A 234 5.02 -3.93 20.65
N PHE A 235 4.11 -4.59 21.34
CA PHE A 235 2.70 -4.56 20.99
C PHE A 235 1.87 -3.72 21.95
N LYS A 236 2.53 -2.87 22.72
CA LYS A 236 1.80 -2.01 23.69
C LYS A 236 0.73 -1.16 22.98
N GLY A 237 -0.47 -1.08 23.57
CA GLY A 237 -1.59 -0.40 22.93
C GLY A 237 -1.61 1.10 23.13
N ASP A 238 -0.43 1.65 23.29
CA ASP A 238 -0.31 3.04 23.55
C ASP A 238 -0.73 3.92 22.42
N GLN A 239 -0.31 3.64 21.20
CA GLN A 239 -0.74 4.47 20.08
C GLN A 239 -1.93 4.07 19.17
N ALA A 240 -2.05 2.80 18.83
CA ALA A 240 -3.07 2.35 17.89
C ALA A 240 -3.82 1.09 18.26
N ARG A 241 -4.70 1.14 19.22
CA ARG A 241 -5.33 -0.07 19.73
C ARG A 241 -6.10 -0.88 18.72
N LEU A 242 -5.95 -2.17 18.81
CA LEU A 242 -6.67 -3.11 17.96
C LEU A 242 -8.17 -2.93 18.17
N ASP A 243 -8.61 -2.80 19.42
CA ASP A 243 -10.04 -2.60 19.68
C ASP A 243 -10.59 -1.32 19.08
N VAL A 244 -9.87 -0.20 19.20
CA VAL A 244 -10.40 1.01 18.57
C VAL A 244 -10.46 0.88 17.05
N HIS A 245 -9.50 0.14 16.46
CA HIS A 245 -9.55 -0.11 15.02
C HIS A 245 -10.74 -0.96 14.62
N ALA A 246 -11.04 -1.98 15.41
CA ALA A 246 -12.21 -2.82 15.13
C ALA A 246 -13.50 -2.00 15.08
N ASP A 247 -13.67 -1.07 16.03
CA ASP A 247 -14.83 -0.17 16.05
C ASP A 247 -14.83 0.68 14.80
N ALA A 248 -13.68 1.29 14.49
CA ALA A 248 -13.56 2.09 13.29
C ALA A 248 -13.88 1.31 12.03
N PHE A 249 -13.36 0.08 11.92
CA PHE A 249 -13.61 -0.73 10.73
C PHE A 249 -15.13 -1.07 10.61
N ALA A 250 -15.77 -1.37 11.74
CA ALA A 250 -17.21 -1.69 11.74
C ALA A 250 -18.05 -0.56 11.18
N HIS A 251 -17.73 0.65 11.63
CA HIS A 251 -18.40 1.82 11.14
CA HIS A 251 -18.35 1.88 11.14
C HIS A 251 -18.21 1.98 9.62
N ILE A 252 -17.00 1.74 9.12
CA ILE A 252 -16.72 1.84 7.67
C ILE A 252 -17.57 0.80 6.91
N ALA A 253 -17.58 -0.44 7.42
CA ALA A 253 -18.33 -1.56 6.82
C ALA A 253 -19.82 -1.24 6.78
N GLN A 254 -20.28 -0.64 7.88
CA GLN A 254 -21.69 -0.24 7.97
C GLN A 254 -22.07 0.79 6.89
N SER A 255 -21.24 1.82 6.66
CA SER A 255 -21.49 2.76 5.55
C SER A 255 -21.43 2.08 4.19
N LEU A 256 -20.42 1.25 3.97
CA LEU A 256 -20.35 0.51 2.71
C LEU A 256 -21.56 -0.38 2.49
N HIS A 257 -21.93 -1.17 3.51
CA HIS A 257 -23.06 -2.12 3.36
C HIS A 257 -24.39 -1.38 3.16
N ALA A 258 -24.48 -0.16 3.70
CA ALA A 258 -25.69 0.66 3.62
C ALA A 258 -25.91 1.26 2.24
N GLN A 259 -24.81 1.73 1.63
CA GLN A 259 -24.79 2.19 0.25
C GLN A 259 -24.99 1.06 -0.74
N GLY A 260 -24.91 -0.17 -0.25
CA GLY A 260 -25.09 -1.38 -1.05
C GLY A 260 -23.91 -1.72 -1.95
N VAL A 261 -22.69 -1.38 -1.51
CA VAL A 261 -21.52 -1.64 -2.37
C VAL A 261 -21.00 -3.05 -2.04
N TRP A 262 -20.39 -3.73 -3.00
CA TRP A 262 -19.78 -5.02 -2.72
C TRP A 262 -18.31 -4.78 -2.35
N THR A 263 -17.93 -5.05 -1.08
CA THR A 263 -16.52 -4.85 -0.68
C THR A 263 -15.97 -6.11 0.00
N PRO A 264 -15.85 -7.20 -0.77
CA PRO A 264 -15.45 -8.45 -0.15
C PRO A 264 -14.08 -8.40 0.52
N VAL A 265 -13.16 -7.57 0.02
CA VAL A 265 -11.82 -7.52 0.62
C VAL A 265 -11.90 -6.78 1.92
N PHE A 266 -12.50 -5.60 1.92
CA PHE A 266 -12.73 -4.95 3.21
C PHE A 266 -13.52 -5.79 4.22
N ASP A 267 -14.56 -6.47 3.78
CA ASP A 267 -15.32 -7.45 4.62
C ASP A 267 -14.39 -8.44 5.31
N ALA A 268 -13.46 -9.01 4.53
CA ALA A 268 -12.46 -9.94 5.05
C ALA A 268 -11.50 -9.31 6.04
N VAL A 269 -11.09 -8.07 5.76
CA VAL A 269 -10.27 -7.29 6.68
C VAL A 269 -10.98 -7.12 8.01
N CYS A 270 -12.26 -6.76 7.98
CA CYS A 270 -13.08 -6.68 9.19
C CYS A 270 -13.12 -7.98 9.97
N GLN A 271 -13.28 -9.08 9.24
CA GLN A 271 -13.34 -10.43 9.83
C GLN A 271 -12.04 -10.79 10.55
N VAL A 272 -10.89 -10.39 9.97
CA VAL A 272 -9.56 -10.61 10.54
C VAL A 272 -9.38 -9.87 11.86
N VAL A 273 -9.66 -8.56 11.83
CA VAL A 273 -9.52 -7.70 12.99
C VAL A 273 -10.50 -8.09 14.13
N GLN A 274 -11.74 -8.44 13.81
CA GLN A 274 -12.72 -8.85 14.83
C GLN A 274 -12.21 -10.05 15.57
N ARG A 275 -11.70 -11.01 14.79
CA ARG A 275 -11.15 -12.24 15.30
C ARG A 275 -10.00 -11.96 16.26
N ALA A 276 -9.11 -11.05 15.87
CA ALA A 276 -7.99 -10.65 16.71
C ALA A 276 -8.52 -10.07 18.03
N ALA A 277 -9.58 -9.25 17.95
CA ALA A 277 -10.27 -8.78 19.16
C ALA A 277 -10.85 -9.94 19.99
N ALA A 278 -11.48 -10.91 19.33
CA ALA A 278 -12.05 -12.06 20.03
C ALA A 278 -10.98 -12.88 20.74
N GLY A 280 -8.42 -11.78 22.15
CA GLY A 280 -7.90 -11.03 23.29
C GLY A 280 -6.78 -10.06 22.98
N TYR A 281 -6.58 -9.74 21.70
CA TYR A 281 -5.53 -8.78 21.30
C TYR A 281 -6.02 -7.35 21.32
N GLY A 282 -7.30 -7.16 21.64
CA GLY A 282 -7.98 -5.85 21.64
C GLY A 282 -7.18 -4.68 22.19
N ASP A 283 -6.48 -4.88 23.31
CA ASP A 283 -5.73 -3.81 23.96
C ASP A 283 -4.35 -3.62 23.35
N GLN A 284 -3.98 -4.47 22.40
CA GLN A 284 -2.65 -4.39 21.78
C GLN A 284 -2.61 -3.50 20.55
N ASP A 285 -1.40 -3.11 20.15
CA ASP A 285 -1.22 -2.38 18.92
C ASP A 285 -1.78 -3.18 17.74
N ILE A 286 -2.32 -2.44 16.77
CA ILE A 286 -2.92 -3.01 15.54
C ILE A 286 -1.99 -4.01 14.84
N ALA A 287 -0.69 -3.86 14.99
CA ALA A 287 0.23 -4.82 14.37
C ALA A 287 0.17 -6.22 14.99
N ALA A 288 -0.45 -6.35 16.17
CA ALA A 288 -0.66 -7.63 16.81
C ALA A 288 -1.56 -8.50 15.95
N THR A 289 -2.25 -7.88 14.99
CA THR A 289 -3.09 -8.59 14.05
C THR A 289 -2.26 -9.74 13.44
N THR A 290 -1.00 -9.44 13.17
CA THR A 290 -0.03 -10.42 12.69
C THR A 290 -0.02 -11.76 13.44
N LYS A 291 -0.08 -11.69 14.78
CA LYS A 291 -0.01 -12.89 15.61
C LYS A 291 -1.24 -13.80 15.44
N SER A 292 -2.38 -13.19 15.11
CA SER A 292 -3.64 -13.95 14.98
C SER A 292 -3.59 -14.97 13.85
N PHE A 293 -2.61 -14.83 12.95
CA PHE A 293 -2.38 -15.76 11.85
C PHE A 293 -1.46 -16.95 12.19
N ALA A 294 -0.80 -16.91 13.36
CA ALA A 294 0.11 -17.98 13.78
C ALA A 294 -0.69 -19.13 14.39
N SER B 2 -10.85 39.60 11.52
CA SER B 2 -9.65 40.44 11.15
C SER B 2 -9.80 41.91 11.51
N LEU B 3 -10.91 42.55 11.13
CA LEU B 3 -11.36 43.76 11.82
C LEU B 3 -11.50 43.36 13.28
N SER B 4 -11.70 42.06 13.53
CA SER B 4 -11.78 41.58 14.88
C SER B 4 -10.45 41.11 15.47
N ASP B 5 -9.34 41.24 14.76
CA ASP B 5 -8.06 40.71 15.26
C ASP B 5 -7.70 41.26 16.63
N GLU B 6 -7.84 42.58 16.81
CA GLU B 6 -7.52 43.22 18.10
C GLU B 6 -8.42 42.83 19.28
N SER B 7 -9.63 42.36 18.95
CA SER B 7 -10.58 41.91 19.94
C SER B 7 -10.20 40.56 20.58
N PHE B 8 -9.42 39.75 19.87
CA PHE B 8 -9.12 38.38 20.32
C PHE B 8 -7.72 38.36 20.92
N GLU B 9 -7.59 37.79 22.11
CA GLU B 9 -6.29 37.54 22.73
C GLU B 9 -5.82 36.13 22.35
N PHE B 10 -6.65 35.35 21.66
CA PHE B 10 -6.27 33.99 21.29
C PHE B 10 -6.55 33.72 19.83
N ASP B 11 -5.78 32.79 19.27
CA ASP B 11 -5.94 32.40 17.87
C ASP B 11 -6.93 31.24 17.70
N VAL B 12 -7.04 30.42 18.73
CA VAL B 12 -7.81 29.15 18.63
C VAL B 12 -8.06 28.62 20.01
N SER B 13 -9.25 28.02 20.21
CA SER B 13 -9.54 27.38 21.48
C SER B 13 -9.69 25.90 21.13
N VAL B 14 -9.43 25.05 22.12
CA VAL B 14 -9.55 23.59 21.94
C VAL B 14 -10.35 23.07 23.12
N ILE B 15 -11.38 22.35 22.79
CA ILE B 15 -12.25 21.81 23.78
C ILE B 15 -12.27 20.31 23.65
N GLY B 16 -11.91 19.72 24.76
CA GLY B 16 -11.75 18.30 24.90
C GLY B 16 -10.26 18.08 24.83
N LEU B 17 -9.73 17.49 25.88
CA LEU B 17 -8.31 17.25 25.95
C LEU B 17 -8.08 15.84 26.34
N GLY B 18 -8.45 14.97 25.41
CA GLY B 18 -8.08 13.58 25.37
C GLY B 18 -6.84 13.56 24.54
N ALA B 19 -6.40 12.38 24.15
CA ALA B 19 -5.11 12.26 23.44
C ALA B 19 -5.00 13.13 22.18
N GLY B 21 -7.10 15.78 21.06
CA GLY B 21 -7.16 17.20 21.44
C GLY B 21 -5.89 17.68 22.12
N THR B 22 -5.33 16.89 23.04
CA THR B 22 -4.08 17.29 23.70
C THR B 22 -2.98 17.48 22.67
N ILE B 23 -2.83 16.54 21.72
CA ILE B 23 -1.76 16.74 20.74
C ILE B 23 -2.01 17.91 19.80
N ALA B 25 -3.61 20.70 20.56
CA ALA B 25 -3.23 21.90 21.35
C ALA B 25 -1.71 22.06 21.42
N GLN B 26 -0.98 20.97 21.70
CA GLN B 26 0.49 21.09 21.83
C GLN B 26 1.13 21.52 20.53
N VAL B 27 0.69 20.91 19.43
CA VAL B 27 1.23 21.25 18.10
C VAL B 27 0.99 22.73 17.79
N LEU B 28 -0.24 23.16 18.01
CA LEU B 28 -0.59 24.56 17.78
C LEU B 28 0.20 25.51 18.68
N LEU B 29 0.38 25.17 19.99
CA LEU B 29 1.25 25.99 20.85
C LEU B 29 2.69 26.02 20.35
N LYS B 30 3.20 24.87 19.92
CA LYS B 30 4.56 24.76 19.40
C LYS B 30 4.77 25.64 18.14
N GLN B 31 3.72 25.78 17.34
CA GLN B 31 3.76 26.57 16.13
C GLN B 31 3.62 28.08 16.40
N GLY B 32 3.42 28.45 17.66
CA GLY B 32 3.27 29.87 17.99
C GLY B 32 1.85 30.44 18.13
N LYS B 33 0.81 29.60 18.06
CA LYS B 33 -0.55 30.10 18.24
C LYS B 33 -0.81 30.36 19.73
N ARG B 34 -1.65 31.34 20.01
CA ARG B 34 -2.06 31.63 21.36
C ARG B 34 -3.28 30.71 21.49
N VAL B 35 -3.22 29.77 22.42
CA VAL B 35 -4.27 28.71 22.54
C VAL B 35 -4.99 28.76 23.89
N ALA B 36 -6.32 28.74 23.86
CA ALA B 36 -7.10 28.65 25.06
C ALA B 36 -7.78 27.28 25.06
N ILE B 37 -7.95 26.72 26.26
CA ILE B 37 -8.49 25.33 26.38
C ILE B 37 -9.53 25.27 27.46
N TRP B 38 -10.36 24.23 27.35
CA TRP B 38 -11.29 23.89 28.42
C TRP B 38 -11.44 22.39 28.35
N ASN B 39 -11.56 21.77 29.51
CA ASN B 39 -11.86 20.39 29.60
C ASN B 39 -12.35 19.99 30.98
N ARG B 40 -12.46 18.68 31.16
CA ARG B 40 -12.75 18.05 32.47
C ARG B 40 -11.53 17.27 33.01
N SER B 41 -10.33 17.48 32.43
CA SER B 41 -9.16 16.60 32.71
C SER B 41 -7.97 17.24 33.40
N PRO B 42 -7.85 17.03 34.72
CA PRO B 42 -6.73 17.60 35.49
C PRO B 42 -5.35 17.32 34.83
N GLY B 43 -4.96 16.04 34.73
CA GLY B 43 -3.72 15.67 34.01
C GLY B 43 -3.48 16.47 32.74
N LYS B 44 -4.43 16.31 31.80
CA LYS B 44 -4.26 16.95 30.48
C LYS B 44 -4.24 18.47 30.47
N ALA B 45 -5.14 19.09 31.23
CA ALA B 45 -5.12 20.55 31.31
C ALA B 45 -3.84 21.08 31.96
N ALA B 46 -3.35 20.41 32.98
CA ALA B 46 -2.14 20.88 33.67
C ALA B 46 -0.92 20.94 32.72
N ALA B 47 -0.68 19.90 31.95
CA ALA B 47 0.49 19.92 31.03
C ALA B 47 0.38 21.03 29.96
N LEU B 48 -0.83 21.24 29.49
CA LEU B 48 -1.08 22.26 28.45
C LEU B 48 -0.89 23.68 28.99
N VAL B 49 -1.38 23.94 30.21
CA VAL B 49 -1.11 25.22 30.87
C VAL B 49 0.41 25.44 31.01
N ALA B 50 1.10 24.40 31.45
CA ALA B 50 2.56 24.44 31.64
C ALA B 50 3.25 24.79 30.30
N ALA B 51 2.69 24.29 29.20
CA ALA B 51 3.20 24.52 27.83
C ALA B 51 2.76 25.87 27.22
N GLY B 52 2.05 26.71 27.99
CA GLY B 52 1.57 28.02 27.52
C GLY B 52 0.09 28.20 27.17
N ALA B 53 -0.73 27.14 27.24
CA ALA B 53 -2.19 27.32 27.04
C ALA B 53 -2.88 28.10 28.17
N HIS B 54 -3.94 28.84 27.81
CA HIS B 54 -4.73 29.59 28.79
C HIS B 54 -5.91 28.69 29.15
N LEU B 55 -6.06 28.38 30.43
CA LEU B 55 -7.21 27.58 30.89
C LEU B 55 -8.42 28.50 31.08
N CYS B 56 -9.52 28.15 30.45
CA CYS B 56 -10.76 28.93 30.55
C CYS B 56 -11.66 28.31 31.59
N GLU B 57 -12.53 29.11 32.16
CA GLU B 57 -13.41 28.64 33.25
C GLU B 57 -14.61 27.81 32.73
N SER B 58 -14.93 27.95 31.45
CA SER B 58 -16.15 27.32 30.93
C SER B 58 -16.04 27.13 29.43
N VAL B 59 -16.93 26.30 28.88
CA VAL B 59 -17.15 26.21 27.42
C VAL B 59 -17.41 27.59 26.80
N LYS B 60 -18.32 28.37 27.38
CA LYS B 60 -18.66 29.65 26.79
C LYS B 60 -17.48 30.61 26.74
N ALA B 61 -16.65 30.60 27.78
CA ALA B 61 -15.45 31.43 27.79
C ALA B 61 -14.44 31.03 26.67
N ALA B 62 -14.26 29.75 26.49
CA ALA B 62 -13.37 29.20 25.45
C ALA B 62 -13.88 29.59 24.04
N LEU B 63 -15.20 29.51 23.83
CA LEU B 63 -15.81 29.92 22.57
C LEU B 63 -15.60 31.39 22.28
N SER B 64 -15.71 32.21 23.33
CA SER B 64 -15.61 33.65 23.20
C SER B 64 -14.17 34.08 22.97
N ALA B 65 -13.24 33.29 23.51
CA ALA B 65 -11.82 33.71 23.56
C ALA B 65 -11.13 33.74 22.20
N SER B 66 -11.64 32.98 21.24
CA SER B 66 -10.92 32.80 19.93
C SER B 66 -11.93 32.85 18.79
N PRO B 67 -11.51 33.14 17.58
CA PRO B 67 -12.47 33.17 16.46
C PRO B 67 -12.91 31.75 16.02
N ALA B 68 -12.12 30.73 16.38
CA ALA B 68 -12.43 29.32 16.06
C ALA B 68 -12.16 28.46 17.29
N THR B 69 -12.99 27.43 17.46
CA THR B 69 -12.79 26.51 18.53
C THR B 69 -12.76 25.10 17.92
N ILE B 70 -11.75 24.33 18.28
CA ILE B 70 -11.66 22.97 17.80
C ILE B 70 -12.34 22.06 18.84
N PHE B 71 -13.31 21.23 18.40
CA PHE B 71 -13.99 20.27 19.29
C PHE B 71 -13.44 18.86 19.07
N VAL B 72 -13.02 18.18 20.13
CA VAL B 72 -12.53 16.82 20.01
C VAL B 72 -13.04 16.09 21.24
N LEU B 73 -14.22 15.53 21.13
CA LEU B 73 -14.94 15.04 22.30
C LEU B 73 -15.16 13.56 22.21
N LEU B 74 -15.66 12.94 23.29
CA LEU B 74 -15.80 11.49 23.31
C LEU B 74 -16.72 11.03 22.19
N ASP B 75 -17.94 11.59 22.16
CA ASP B 75 -18.92 11.14 21.17
C ASP B 75 -19.95 12.21 20.89
N ASN B 76 -20.98 11.87 20.12
CA ASN B 76 -22.02 12.83 19.81
C ASN B 76 -22.76 13.26 21.07
N HIS B 77 -23.07 12.33 21.98
CA HIS B 77 -23.68 12.73 23.27
C HIS B 77 -22.87 13.87 23.92
N ALA B 78 -21.53 13.71 23.96
CA ALA B 78 -20.62 14.72 24.56
C ALA B 78 -20.69 16.09 23.83
N THR B 79 -20.84 16.05 22.51
CA THR B 79 -20.93 17.29 21.70
C THR B 79 -22.19 18.04 22.09
N HIS B 80 -23.33 17.34 22.21
CA HIS B 80 -24.58 18.03 22.48
C HIS B 80 -24.58 18.58 23.89
N GLU B 81 -24.01 17.83 24.83
CA GLU B 81 -23.86 18.28 26.22
C GLU B 81 -23.06 19.60 26.35
N VAL B 82 -21.90 19.64 25.69
CA VAL B 82 -21.10 20.85 25.60
C VAL B 82 -21.93 22.02 25.06
N LEU B 83 -22.65 21.78 23.95
CA LEU B 83 -23.43 22.81 23.26
C LEU B 83 -24.66 23.28 24.05
N GLY B 84 -25.13 22.45 24.98
CA GLY B 84 -26.30 22.77 25.78
C GLY B 84 -25.98 23.54 27.04
N PRO B 86 -24.66 26.34 29.97
CA PRO B 86 -25.16 27.73 30.18
C PRO B 86 -24.50 28.78 29.29
N GLY B 87 -25.30 29.48 28.49
CA GLY B 87 -24.83 30.60 27.64
C GLY B 87 -23.98 30.22 26.43
N VAL B 88 -23.92 28.93 26.15
CA VAL B 88 -23.14 28.47 25.03
C VAL B 88 -23.75 28.95 23.71
N ALA B 89 -25.08 28.80 23.55
CA ALA B 89 -25.73 29.22 22.32
C ALA B 89 -25.34 30.65 21.96
N ARG B 90 -25.48 31.56 22.92
CA ARG B 90 -25.09 32.93 22.69
C ARG B 90 -23.61 33.06 22.30
N ALA B 91 -22.73 32.25 22.90
CA ALA B 91 -21.28 32.36 22.61
C ALA B 91 -20.84 31.74 21.28
N LEU B 92 -21.69 30.93 20.66
CA LEU B 92 -21.47 30.46 19.29
C LEU B 92 -21.51 31.55 18.19
N ALA B 93 -22.22 32.65 18.43
CA ALA B 93 -22.46 33.66 17.37
C ALA B 93 -21.11 34.14 16.82
N HIS B 94 -20.98 34.14 15.49
CA HIS B 94 -19.74 34.61 14.84
C HIS B 94 -18.48 33.82 15.19
N ARG B 95 -18.66 32.58 15.62
CA ARG B 95 -17.51 31.70 15.86
C ARG B 95 -17.57 30.50 14.95
N THR B 96 -16.42 29.97 14.59
CA THR B 96 -16.38 28.74 13.78
C THR B 96 -16.03 27.59 14.72
N ILE B 97 -16.84 26.54 14.71
CA ILE B 97 -16.55 25.30 15.41
C ILE B 97 -15.95 24.37 14.40
N VAL B 98 -14.76 23.85 14.69
CA VAL B 98 -14.12 22.81 13.84
C VAL B 98 -14.19 21.47 14.58
N ASP B 99 -15.06 20.57 14.11
CA ASP B 99 -15.48 19.38 14.84
C ASP B 99 -14.76 18.17 14.31
N TYR B 100 -13.77 17.69 15.09
CA TYR B 100 -13.07 16.43 14.77
C TYR B 100 -13.63 15.18 15.48
N THR B 101 -14.74 15.32 16.23
CA THR B 101 -15.30 14.22 17.05
C THR B 101 -15.95 13.22 16.11
N THR B 102 -15.66 11.93 16.27
CA THR B 102 -16.35 10.89 15.45
C THR B 102 -17.85 10.73 15.76
N ASN B 103 -18.59 10.64 14.67
CA ASN B 103 -19.94 11.11 14.53
C ASN B 103 -20.64 10.08 13.63
N ALA B 104 -21.97 9.95 13.77
CA ALA B 104 -22.78 9.23 12.76
C ALA B 104 -23.26 10.21 11.68
N GLN B 105 -23.46 9.69 10.46
CA GLN B 105 -23.69 10.54 9.26
C GLN B 105 -24.79 11.61 9.39
N ASP B 106 -25.96 11.20 9.87
CA ASP B 106 -27.09 12.12 10.16
C ASP B 106 -26.79 13.19 11.23
N GLU B 107 -25.96 12.80 12.21
CA GLU B 107 -25.74 13.63 13.41
C GLU B 107 -25.05 14.94 13.07
N GLY B 108 -24.18 14.90 12.07
CA GLY B 108 -23.42 16.08 11.65
C GLY B 108 -24.32 17.17 11.11
N LEU B 109 -25.35 16.79 10.36
CA LEU B 109 -26.27 17.80 9.79
C LEU B 109 -27.08 18.49 10.88
N ALA B 110 -27.45 17.73 11.92
CA ALA B 110 -28.12 18.31 13.06
C ALA B 110 -27.20 19.30 13.81
N LEU B 111 -25.91 18.96 13.92
CA LEU B 111 -24.93 19.84 14.62
C LEU B 111 -24.63 21.12 13.86
N GLN B 112 -24.42 20.95 12.56
CA GLN B 112 -24.35 22.06 11.65
C GLN B 112 -25.57 22.96 11.85
N GLY B 113 -26.78 22.38 11.78
CA GLY B 113 -28.01 23.16 12.01
C GLY B 113 -28.02 23.95 13.30
N LEU B 114 -27.64 23.29 14.39
CA LEU B 114 -27.58 23.90 15.69
C LEU B 114 -26.60 25.07 15.75
N VAL B 115 -25.39 24.87 15.25
CA VAL B 115 -24.38 25.91 15.27
C VAL B 115 -24.83 27.09 14.39
N ASN B 116 -25.37 26.77 13.22
CA ASN B 116 -25.89 27.79 12.32
C ASN B 116 -27.03 28.58 12.91
N GLN B 117 -27.95 27.87 13.57
CA GLN B 117 -29.10 28.49 14.20
C GLN B 117 -28.66 29.56 15.18
N ALA B 118 -27.52 29.31 15.84
CA ALA B 118 -26.95 30.26 16.79
C ALA B 118 -26.09 31.35 16.12
N GLY B 119 -25.98 31.31 14.79
CA GLY B 119 -25.17 32.31 14.08
C GLY B 119 -23.67 32.02 14.04
N GLY B 120 -23.32 30.77 14.29
CA GLY B 120 -21.93 30.36 14.17
C GLY B 120 -21.73 29.60 12.87
N HIS B 121 -20.55 29.05 12.66
CA HIS B 121 -20.26 28.37 11.42
C HIS B 121 -19.72 27.03 11.82
N TYR B 122 -20.12 25.99 11.10
CA TYR B 122 -19.76 24.65 11.51
C TYR B 122 -18.86 24.01 10.46
N VAL B 123 -17.65 23.60 10.86
CA VAL B 123 -16.79 22.80 9.97
C VAL B 123 -16.53 21.44 10.57
N LYS B 124 -16.76 20.39 9.79
CA LYS B 124 -16.45 19.05 10.29
C LYS B 124 -15.06 18.68 9.75
N GLY B 125 -14.18 18.13 10.59
CA GLY B 125 -12.87 17.72 10.09
C GLY B 125 -12.63 16.22 10.32
N ILE B 127 -9.06 13.87 10.36
CA ILE B 127 -7.64 13.90 10.19
C ILE B 127 -7.13 12.52 9.86
N VAL B 128 -6.49 12.40 8.72
CA VAL B 128 -5.98 11.12 8.30
C VAL B 128 -4.62 10.87 8.88
N ALA B 129 -4.56 10.70 10.18
CA ALA B 129 -3.30 10.51 10.82
C ALA B 129 -3.46 9.91 12.17
N TYR B 130 -2.41 9.29 12.65
CA TYR B 130 -2.34 8.93 14.06
C TYR B 130 -1.85 10.17 14.78
N PRO B 131 -2.16 10.29 16.10
CA PRO B 131 -1.77 11.47 16.88
C PRO B 131 -0.31 11.82 16.69
N ARG B 132 0.58 10.84 16.60
CA ARG B 132 2.02 11.12 16.41
C ARG B 132 2.33 11.93 15.18
N ASN B 133 1.44 11.89 14.18
CA ASN B 133 1.66 12.68 12.98
C ASN B 133 0.73 13.92 12.80
N VAL B 134 0.06 14.29 13.88
CA VAL B 134 -0.65 15.57 13.85
C VAL B 134 0.43 16.64 13.72
N GLY B 135 0.21 17.59 12.83
CA GLY B 135 1.19 18.67 12.61
C GLY B 135 2.21 18.35 11.53
N HIS B 136 2.28 17.09 11.11
CA HIS B 136 3.23 16.66 10.08
C HIS B 136 2.91 17.33 8.75
N ARG B 137 3.96 17.85 8.10
CA ARG B 137 3.90 18.42 6.73
C ARG B 137 3.21 17.48 5.74
N GLU B 138 3.44 16.17 5.89
CA GLU B 138 2.88 15.17 4.94
C GLU B 138 1.52 14.58 5.35
N SER B 139 1.02 14.89 6.55
CA SER B 139 -0.33 14.41 6.98
C SER B 139 -1.46 15.08 6.20
N HIS B 140 -2.57 14.36 6.04
CA HIS B 140 -3.70 14.92 5.29
C HIS B 140 -4.93 15.01 6.20
N SER B 141 -5.81 16.01 5.93
CA SER B 141 -7.11 16.07 6.59
C SER B 141 -8.16 16.34 5.53
N ILE B 142 -9.42 16.07 5.85
CA ILE B 142 -10.54 16.38 4.96
C ILE B 142 -11.48 17.24 5.77
N HIS B 143 -12.05 18.30 5.20
CA HIS B 143 -13.00 19.16 5.90
C HIS B 143 -14.25 19.32 5.09
N THR B 144 -15.39 19.53 5.75
CA THR B 144 -16.65 19.70 5.06
C THR B 144 -17.50 20.66 5.92
N GLY B 145 -18.73 20.96 5.51
CA GLY B 145 -19.63 21.86 6.25
C GLY B 145 -19.66 23.22 5.59
N ASP B 146 -19.12 24.23 6.27
CA ASP B 146 -19.17 25.62 5.82
C ASP B 146 -17.89 25.99 5.08
N ARG B 147 -17.98 26.14 3.76
CA ARG B 147 -16.79 26.35 2.95
C ARG B 147 -16.11 27.67 3.29
N GLU B 148 -16.92 28.71 3.49
CA GLU B 148 -16.37 30.04 3.77
C GLU B 148 -15.61 30.05 5.11
N ALA B 149 -16.20 29.47 6.15
CA ALA B 149 -15.50 29.39 7.45
C ALA B 149 -14.23 28.53 7.37
N PHE B 150 -14.30 27.42 6.62
CA PHE B 150 -13.11 26.62 6.41
C PHE B 150 -11.99 27.46 5.73
N GLU B 151 -12.34 28.22 4.69
CA GLU B 151 -11.33 29.05 4.02
C GLU B 151 -10.75 30.11 4.97
N GLN B 152 -11.61 30.72 5.78
CA GLN B 152 -11.14 31.70 6.77
C GLN B 152 -10.07 31.11 7.68
N HIS B 153 -10.25 29.85 8.07
CA HIS B 153 -9.39 29.23 9.06
C HIS B 153 -8.44 28.18 8.50
N ARG B 154 -8.30 28.17 7.19
CA ARG B 154 -7.54 27.11 6.55
C ARG B 154 -6.09 27.07 7.01
N ALA B 155 -5.44 28.24 7.10
CA ALA B 155 -4.01 28.31 7.50
C ALA B 155 -3.83 27.72 8.90
N LEU B 156 -4.77 28.03 9.78
CA LEU B 156 -4.73 27.50 11.14
C LEU B 156 -4.84 25.96 11.13
N LEU B 157 -5.82 25.46 10.41
CA LEU B 157 -6.08 24.03 10.35
C LEU B 157 -4.94 23.28 9.63
N GLU B 158 -4.29 23.96 8.70
CA GLU B 158 -3.07 23.42 8.08
C GLU B 158 -1.94 23.21 9.09
N GLY B 159 -2.06 23.84 10.26
CA GLY B 159 -1.11 23.57 11.33
C GLY B 159 -1.20 22.13 11.85
N LEU B 160 -2.39 21.53 11.73
CA LEU B 160 -2.65 20.17 12.17
C LEU B 160 -2.32 19.08 11.12
N ALA B 161 -2.42 19.40 9.84
CA ALA B 161 -2.03 18.42 8.83
C ALA B 161 -1.71 19.25 7.62
N GLY B 162 -0.48 19.12 7.14
CA GLY B 162 0.02 19.93 6.06
C GLY B 162 -0.82 20.00 4.79
N HIS B 163 -1.57 18.95 4.48
CA HIS B 163 -2.34 18.96 3.24
C HIS B 163 -3.79 18.86 3.68
N THR B 164 -4.64 19.69 3.12
CA THR B 164 -6.05 19.59 3.46
C THR B 164 -6.91 19.72 2.23
N VAL B 165 -8.15 19.23 2.27
CA VAL B 165 -9.05 19.40 1.13
C VAL B 165 -10.45 19.64 1.73
N PHE B 166 -11.20 20.56 1.15
CA PHE B 166 -12.59 20.70 1.47
C PHE B 166 -13.40 20.00 0.37
N LEU B 167 -14.35 19.18 0.78
CA LEU B 167 -15.31 18.62 -0.11
C LEU B 167 -16.70 18.91 0.47
N PRO B 168 -17.73 19.02 -0.40
CA PRO B 168 -19.10 19.22 0.09
C PRO B 168 -19.56 17.98 0.87
N TRP B 169 -20.51 18.20 1.78
CA TRP B 169 -20.95 17.21 2.75
C TRP B 169 -20.96 15.73 2.28
N ASP B 170 -21.73 15.43 1.26
CA ASP B 170 -21.91 14.04 0.95
C ASP B 170 -20.68 13.42 0.29
N GLU B 171 -19.96 14.24 -0.46
CA GLU B 171 -18.69 13.77 -1.03
C GLU B 171 -17.64 13.55 0.08
N ALA B 172 -17.58 14.45 1.04
CA ALA B 172 -16.59 14.30 2.12
C ALA B 172 -16.74 13.01 2.92
N LEU B 173 -17.97 12.68 3.29
CA LEU B 173 -18.19 11.49 4.06
C LEU B 173 -17.86 10.24 3.26
N ALA B 174 -18.32 10.22 2.01
CA ALA B 174 -18.11 9.09 1.12
C ALA B 174 -16.62 8.93 0.86
N PHE B 175 -15.96 10.04 0.57
CA PHE B 175 -14.55 9.94 0.27
C PHE B 175 -13.76 9.42 1.48
N ALA B 176 -14.09 9.92 2.67
CA ALA B 176 -13.40 9.48 3.87
C ALA B 176 -13.65 8.01 4.09
N THR B 177 -14.87 7.54 3.79
CA THR B 177 -15.19 6.15 3.99
C THR B 177 -14.32 5.22 3.09
N VAL B 178 -14.28 5.50 1.79
CA VAL B 178 -13.55 4.67 0.89
C VAL B 178 -12.02 4.86 1.05
N LEU B 179 -11.59 6.07 1.40
CA LEU B 179 -10.16 6.30 1.68
C LEU B 179 -9.70 5.42 2.88
N HIS B 180 -10.49 5.39 3.95
CA HIS B 180 -10.08 4.59 5.11
C HIS B 180 -10.23 3.09 4.84
N ALA B 181 -11.23 2.69 4.03
CA ALA B 181 -11.35 1.30 3.64
C ALA B 181 -10.04 0.84 2.95
N HIS B 182 -9.55 1.64 1.99
CA HIS B 182 -8.31 1.29 1.31
C HIS B 182 -7.11 1.29 2.24
N ALA B 183 -6.99 2.33 3.06
CA ALA B 183 -5.77 2.53 3.86
C ALA B 183 -5.67 1.43 4.88
N PHE B 184 -6.80 1.13 5.54
CA PHE B 184 -6.79 0.09 6.58
C PHE B 184 -6.69 -1.30 5.96
N ALA B 185 -7.36 -1.52 4.84
CA ALA B 185 -7.23 -2.82 4.19
C ALA B 185 -5.79 -3.11 3.74
N ALA B 186 -5.12 -2.09 3.20
CA ALA B 186 -3.73 -2.21 2.76
C ALA B 186 -2.85 -2.63 3.93
N VAL B 188 -3.82 -4.29 6.65
CA VAL B 188 -4.16 -5.64 7.03
C VAL B 188 -3.59 -6.70 6.03
N THR B 189 -3.55 -6.39 4.73
CA THR B 189 -2.95 -7.31 3.75
C THR B 189 -1.50 -7.54 4.12
N PHE B 190 -0.86 -6.51 4.64
CA PHE B 190 0.51 -6.65 5.07
C PHE B 190 0.63 -7.57 6.29
N PHE B 191 -0.21 -7.34 7.33
CA PHE B 191 -0.25 -8.22 8.50
C PHE B 191 -0.50 -9.66 8.12
N GLU B 192 -1.45 -9.88 7.20
CA GLU B 192 -1.79 -11.23 6.75
C GLU B 192 -0.59 -11.95 6.06
N ALA B 193 0.13 -11.22 5.20
CA ALA B 193 1.24 -11.81 4.43
C ALA B 193 2.41 -12.10 5.35
N VAL B 194 2.71 -11.16 6.24
CA VAL B 194 3.73 -11.39 7.28
C VAL B 194 3.41 -12.61 8.19
N GLY B 195 2.15 -12.68 8.64
CA GLY B 195 1.70 -13.80 9.44
C GLY B 195 1.81 -15.10 8.66
N ALA B 196 1.48 -15.05 7.38
CA ALA B 196 1.60 -16.21 6.50
C ALA B 196 3.05 -16.65 6.36
N GLY B 197 3.96 -15.67 6.32
CA GLY B 197 5.41 -15.96 6.30
C GLY B 197 5.83 -16.83 7.48
N ASP B 198 5.29 -16.54 8.66
CA ASP B 198 5.57 -17.34 9.86
C ASP B 198 5.27 -18.82 9.68
N ARG B 199 4.15 -19.13 9.05
CA ARG B 199 3.77 -20.52 8.84
C ARG B 199 4.72 -21.23 7.87
N PHE B 200 5.47 -20.43 7.12
CA PHE B 200 6.51 -20.93 6.22
C PHE B 200 7.86 -21.08 6.94
N GLY B 201 7.95 -20.66 8.18
CA GLY B 201 9.20 -20.67 8.93
C GLY B 201 10.04 -19.41 8.72
N LEU B 202 9.39 -18.36 8.19
CA LEU B 202 10.01 -17.05 8.04
C LEU B 202 9.64 -16.18 9.25
N PRO B 203 10.61 -15.89 10.14
CA PRO B 203 10.20 -15.22 11.35
C PRO B 203 9.73 -13.79 11.10
N VAL B 204 8.62 -13.45 11.73
CA VAL B 204 7.99 -12.14 11.56
C VAL B 204 9.02 -11.03 11.70
N SER B 205 9.91 -11.13 12.69
CA SER B 205 10.91 -10.11 13.01
C SER B 205 12.03 -9.86 11.99
N LYS B 206 12.32 -10.79 11.11
CA LYS B 206 13.26 -10.43 10.02
C LYS B 206 12.57 -10.22 8.67
N THR B 207 11.40 -10.85 8.56
CA THR B 207 10.72 -10.89 7.29
C THR B 207 9.91 -9.63 7.02
N ALA B 208 9.40 -9.02 8.09
CA ALA B 208 8.55 -7.85 7.95
C ALA B 208 9.29 -6.75 7.23
N ARG B 209 10.50 -6.42 7.68
CA ARG B 209 11.22 -5.31 7.02
C ARG B 209 11.55 -5.62 5.55
N LEU B 210 11.99 -6.85 5.30
CA LEU B 210 12.27 -7.27 3.91
C LEU B 210 11.02 -7.23 3.05
N LEU B 211 9.87 -7.65 3.59
CA LEU B 211 8.65 -7.67 2.79
C LEU B 211 8.27 -6.23 2.40
N LEU B 212 8.29 -5.34 3.38
CA LEU B 212 8.02 -3.93 3.09
C LEU B 212 8.99 -3.31 2.07
N GLU B 213 10.28 -3.50 2.29
CA GLU B 213 11.28 -2.85 1.44
C GLU B 213 11.26 -3.41 0.01
N THR B 214 10.96 -4.72 -0.14
CA THR B 214 11.03 -5.39 -1.45
C THR B 214 9.75 -5.12 -2.29
N SER B 215 8.65 -4.75 -1.64
CA SER B 215 7.37 -4.48 -2.32
C SER B 215 7.05 -3.00 -2.51
N ARG B 216 7.72 -2.12 -1.75
CA ARG B 216 7.34 -0.70 -1.71
C ARG B 216 7.20 -0.08 -3.11
N PHE B 217 8.28 -0.10 -3.89
CA PHE B 217 8.29 0.52 -5.24
C PHE B 217 7.29 -0.14 -6.17
N PHE B 218 7.29 -1.46 -6.19
CA PHE B 218 6.41 -2.21 -7.06
C PHE B 218 4.94 -1.78 -6.84
N VAL B 219 4.50 -1.77 -5.59
CA VAL B 219 3.10 -1.38 -5.27
C VAL B 219 2.83 0.12 -5.64
N ALA B 220 3.73 1.01 -5.24
CA ALA B 220 3.55 2.43 -5.48
C ALA B 220 3.49 2.72 -6.98
N ASP B 221 4.41 2.11 -7.73
CA ASP B 221 4.44 2.32 -9.19
C ASP B 221 3.20 1.71 -9.82
N ALA B 222 2.75 0.56 -9.31
CA ALA B 222 1.50 -0.09 -9.80
C ALA B 222 0.23 0.75 -9.55
N LEU B 223 0.09 1.31 -8.36
CA LEU B 223 -1.05 2.19 -8.05
C LEU B 223 -1.04 3.48 -8.89
N GLU B 224 0.14 4.06 -9.06
CA GLU B 224 0.30 5.25 -9.87
C GLU B 224 -0.11 4.96 -11.34
N GLU B 225 0.33 3.82 -11.86
CA GLU B 225 -0.03 3.47 -13.18
C GLU B 225 -1.54 3.15 -13.33
N ALA B 226 -2.14 2.49 -12.33
CA ALA B 226 -3.58 2.25 -12.33
C ALA B 226 -4.38 3.58 -12.34
N VAL B 227 -3.92 4.56 -11.56
CA VAL B 227 -4.54 5.90 -11.55
C VAL B 227 -4.47 6.55 -12.97
N ARG B 228 -3.30 6.45 -13.61
CA ARG B 228 -3.11 7.02 -14.94
C ARG B 228 -4.08 6.37 -15.94
N ARG B 229 -4.24 5.06 -15.84
CA ARG B 229 -5.19 4.35 -16.68
C ARG B 229 -6.64 4.69 -16.37
N LEU B 230 -6.98 4.82 -15.08
CA LEU B 230 -8.34 5.17 -14.70
C LEU B 230 -8.72 6.59 -15.19
N GLU B 231 -7.76 7.49 -15.13
CA GLU B 231 -7.90 8.83 -15.65
C GLU B 231 -8.05 8.90 -17.15
N THR B 232 -7.27 8.14 -17.87
CA THR B 232 -7.35 8.09 -19.32
C THR B 232 -8.33 7.08 -19.85
N GLN B 233 -8.87 6.25 -19.00
CA GLN B 233 -9.76 5.19 -19.38
C GLN B 233 -9.11 4.24 -20.38
N ASP B 234 -7.82 4.00 -20.21
CA ASP B 234 -7.12 3.11 -21.09
C ASP B 234 -6.88 1.79 -20.40
N PHE B 235 -7.60 0.79 -20.82
CA PHE B 235 -7.53 -0.51 -20.19
C PHE B 235 -6.92 -1.58 -21.12
N LYS B 236 -6.13 -1.13 -22.09
CA LYS B 236 -5.53 -2.04 -23.07
C LYS B 236 -4.65 -3.02 -22.34
N GLY B 237 -4.77 -4.29 -22.69
CA GLY B 237 -4.08 -5.36 -22.01
C GLY B 237 -2.67 -5.53 -22.49
N ASP B 238 -2.08 -4.42 -22.90
CA ASP B 238 -0.72 -4.50 -23.34
C ASP B 238 0.24 -4.93 -22.28
N GLN B 239 0.13 -4.45 -21.06
CA GLN B 239 1.14 -4.84 -20.08
C GLN B 239 0.87 -5.85 -18.92
N ALA B 240 -0.31 -5.74 -18.34
CA ALA B 240 -0.72 -6.48 -17.18
C ALA B 240 -2.10 -7.07 -17.32
N ARG B 241 -2.26 -8.12 -18.07
CA ARG B 241 -3.58 -8.67 -18.29
C ARG B 241 -4.25 -9.15 -17.04
N LEU B 242 -5.53 -8.88 -16.93
CA LEU B 242 -6.30 -9.35 -15.80
C LEU B 242 -6.32 -10.89 -15.71
N ASP B 243 -6.50 -11.59 -16.83
CA ASP B 243 -6.59 -13.05 -16.78
C ASP B 243 -5.29 -13.71 -16.33
N VAL B 244 -4.16 -13.17 -16.79
CA VAL B 244 -2.83 -13.55 -16.33
C VAL B 244 -2.66 -13.36 -14.82
N HIS B 245 -3.14 -12.21 -14.30
CA HIS B 245 -3.12 -11.99 -12.86
C HIS B 245 -4.01 -12.98 -12.13
N ALA B 246 -5.19 -13.26 -12.68
CA ALA B 246 -6.08 -14.27 -12.06
C ALA B 246 -5.34 -15.59 -11.88
N ASP B 247 -4.55 -15.96 -12.90
CA ASP B 247 -3.77 -17.23 -12.92
C ASP B 247 -2.72 -17.24 -11.82
N ALA B 248 -1.88 -16.19 -11.82
CA ALA B 248 -0.91 -15.95 -10.78
C ALA B 248 -1.54 -15.95 -9.39
N PHE B 249 -2.67 -15.26 -9.20
CA PHE B 249 -3.29 -15.17 -7.87
C PHE B 249 -3.72 -16.57 -7.37
N ALA B 250 -4.36 -17.35 -8.23
CA ALA B 250 -4.75 -18.72 -7.87
C ALA B 250 -3.55 -19.60 -7.47
N HIS B 251 -2.40 -19.40 -8.13
CA HIS B 251 -1.17 -20.15 -7.81
C HIS B 251 -0.68 -19.77 -6.42
N ILE B 252 -0.67 -18.46 -6.14
CA ILE B 252 -0.28 -17.96 -4.81
C ILE B 252 -1.21 -18.54 -3.74
N ALA B 253 -2.53 -18.49 -4.02
CA ALA B 253 -3.55 -18.97 -3.06
C ALA B 253 -3.41 -20.46 -2.79
N GLN B 254 -2.90 -21.19 -3.76
CA GLN B 254 -2.73 -22.63 -3.64
C GLN B 254 -1.51 -23.00 -2.76
N SER B 255 -0.39 -22.30 -2.95
CA SER B 255 0.80 -22.49 -2.10
C SER B 255 0.48 -22.11 -0.66
N LEU B 256 -0.32 -21.07 -0.50
CA LEU B 256 -0.74 -20.64 0.83
C LEU B 256 -1.64 -21.71 1.47
N HIS B 257 -2.61 -22.20 0.70
CA HIS B 257 -3.49 -23.28 1.17
C HIS B 257 -2.71 -24.57 1.54
N ALA B 258 -1.81 -25.02 0.65
CA ALA B 258 -0.95 -26.19 0.95
C ALA B 258 -0.16 -26.02 2.25
N GLN B 259 0.27 -24.80 2.57
CA GLN B 259 1.03 -24.58 3.81
C GLN B 259 0.09 -24.55 5.02
N GLY B 260 -1.22 -24.50 4.77
CA GLY B 260 -2.20 -24.49 5.88
C GLY B 260 -2.48 -23.12 6.46
N VAL B 261 -2.06 -22.06 5.77
CA VAL B 261 -2.28 -20.70 6.25
C VAL B 261 -3.71 -20.22 5.97
N TRP B 262 -4.25 -19.44 6.92
CA TRP B 262 -5.55 -18.79 6.79
C TRP B 262 -5.30 -17.41 6.22
N THR B 263 -5.82 -17.19 5.02
CA THR B 263 -5.65 -15.91 4.36
C THR B 263 -6.97 -15.46 3.78
N PRO B 264 -7.91 -15.08 4.65
CA PRO B 264 -9.22 -14.66 4.13
C PRO B 264 -9.15 -13.42 3.24
N VAL B 265 -8.23 -12.49 3.51
CA VAL B 265 -8.14 -11.26 2.72
C VAL B 265 -7.68 -11.63 1.33
N PHE B 266 -6.59 -12.40 1.25
CA PHE B 266 -6.15 -12.86 -0.10
C PHE B 266 -7.18 -13.71 -0.85
N ASP B 267 -7.92 -14.54 -0.12
CA ASP B 267 -8.99 -15.32 -0.74
C ASP B 267 -10.01 -14.36 -1.38
N ALA B 268 -10.29 -13.25 -0.69
CA ALA B 268 -11.31 -12.33 -1.14
C ALA B 268 -10.80 -11.62 -2.40
N VAL B 269 -9.51 -11.27 -2.38
CA VAL B 269 -8.85 -10.64 -3.52
C VAL B 269 -8.91 -11.56 -4.74
N CYS B 270 -8.65 -12.85 -4.52
CA CYS B 270 -8.80 -13.84 -5.61
C CYS B 270 -10.21 -13.90 -6.16
N GLN B 271 -11.18 -13.91 -5.25
CA GLN B 271 -12.62 -13.88 -5.60
C GLN B 271 -12.94 -12.71 -6.52
N VAL B 272 -12.51 -11.51 -6.16
CA VAL B 272 -12.73 -10.31 -6.95
C VAL B 272 -12.17 -10.42 -8.37
N VAL B 273 -10.92 -10.87 -8.49
CA VAL B 273 -10.28 -10.89 -9.81
C VAL B 273 -10.80 -12.08 -10.63
N GLN B 274 -11.01 -13.22 -10.00
CA GLN B 274 -11.62 -14.34 -10.75
C GLN B 274 -12.97 -13.86 -11.29
N ARG B 275 -13.78 -13.23 -10.45
CA ARG B 275 -15.08 -12.72 -10.90
C ARG B 275 -14.99 -11.66 -12.03
N ALA B 276 -14.07 -10.70 -11.92
CA ALA B 276 -13.80 -9.76 -13.02
C ALA B 276 -13.47 -10.51 -14.31
N ALA B 277 -12.65 -11.57 -14.18
CA ALA B 277 -12.32 -12.43 -15.32
C ALA B 277 -13.59 -13.06 -15.92
N ALA B 278 -14.47 -13.59 -15.07
CA ALA B 278 -15.68 -14.25 -15.54
C ALA B 278 -16.67 -13.25 -16.15
N GLY B 280 -15.81 -10.88 -18.34
CA GLY B 280 -15.31 -10.34 -19.60
C GLY B 280 -14.09 -9.41 -19.54
N TYR B 281 -13.61 -9.12 -18.33
CA TYR B 281 -12.46 -8.21 -18.17
C TYR B 281 -11.09 -8.85 -18.32
N GLY B 282 -11.04 -10.16 -18.59
CA GLY B 282 -9.78 -10.91 -18.62
C GLY B 282 -8.66 -10.37 -19.52
N ASP B 283 -9.03 -9.84 -20.69
CA ASP B 283 -8.04 -9.35 -21.63
C ASP B 283 -7.66 -7.89 -21.39
N GLN B 284 -8.27 -7.25 -20.39
CA GLN B 284 -7.91 -5.87 -20.06
C GLN B 284 -6.81 -5.75 -18.99
N ASP B 285 -6.27 -4.54 -18.84
CA ASP B 285 -5.34 -4.21 -17.77
C ASP B 285 -6.00 -4.52 -16.42
N ILE B 286 -5.16 -4.92 -15.49
CA ILE B 286 -5.56 -5.28 -14.13
C ILE B 286 -6.39 -4.18 -13.46
N ALA B 287 -6.13 -2.93 -13.82
CA ALA B 287 -6.94 -1.81 -13.30
C ALA B 287 -8.42 -1.91 -13.69
N ALA B 288 -8.77 -2.74 -14.69
CA ALA B 288 -10.18 -2.91 -15.07
C ALA B 288 -10.96 -3.61 -13.97
N THR B 289 -10.24 -4.20 -13.03
CA THR B 289 -10.86 -4.75 -11.82
C THR B 289 -11.80 -3.70 -11.21
N THR B 290 -11.35 -2.43 -11.22
CA THR B 290 -12.17 -1.32 -10.80
C THR B 290 -13.60 -1.31 -11.38
N LYS B 291 -13.69 -1.48 -12.70
CA LYS B 291 -14.98 -1.47 -13.40
C LYS B 291 -15.93 -2.60 -13.00
N SER B 292 -15.39 -3.71 -12.49
CA SER B 292 -16.19 -4.87 -12.11
C SER B 292 -17.09 -4.57 -10.91
N PHE B 293 -16.77 -3.49 -10.19
CA PHE B 293 -17.63 -3.07 -9.09
C PHE B 293 -18.82 -2.20 -9.51
N ALA B 294 -18.84 -1.78 -10.78
CA ALA B 294 -19.81 -0.79 -11.24
C ALA B 294 -21.25 -1.32 -11.22
N ARG B 295 -22.21 -0.43 -10.96
CA ARG B 295 -23.63 -0.76 -11.09
C ARG B 295 -23.95 -1.07 -12.55
N GLU B 296 -23.64 -0.10 -13.41
CA GLU B 296 -23.73 -0.18 -14.87
C GLU B 296 -22.72 -1.21 -15.41
#